data_5TKD
#
_entry.id   5TKD
#
_cell.length_a   69.599
_cell.length_b   65.702
_cell.length_c   74.702
_cell.angle_alpha   90.000
_cell.angle_beta   112.420
_cell.angle_gamma   90.000
#
_symmetry.space_group_name_H-M   'P 1 21 1'
#
loop_
_entity.id
_entity.type
_entity.pdbx_description
1 polymer 'Non-receptor tyrosine-protein kinase TYK2'
2 non-polymer 6-[(3,5-dimethylphenyl)amino]-8-(methylamino)imidazo[1,2-b]pyridazine-3-carboxamide
3 non-polymer 'SULFATE ION'
4 water water
#
_entity_poly.entity_id   1
_entity_poly.type   'polypeptide(L)'
_entity_poly.pdbx_seq_one_letter_code
;GHMNLSQLSFHRVDQKEITQLSHLGQGTRTNVYEGRLRVEGSGDPEEGKMDDEDPLVPGRDRGQELRVVLKVLDPSHHDI
ALAFYETASLMSQVSHTHLAFVHGVCVRGPENIMVTEYVEHGPLDVWLRRERGHVPMAWKMVVAQQLASALSYLENKNLV
HGNVCGRNILLARLGLAEGTSPFIKLSDPGVGLGALSREERVERIPWLAPECLPGGANSLSTAMDKWGFGATLLEICFDG
EAPLQSRSPSEKEHFYQRQHRLPEPSCPQLATLTSQCLTYEPTQRPSFRTILRDLTRL
;
_entity_poly.pdbx_strand_id   A,B
#
# COMPACT_ATOMS: atom_id res chain seq x y z
N PHE A 10 20.82 17.12 13.28
CA PHE A 10 20.36 16.57 12.00
C PHE A 10 21.46 16.44 10.99
N HIS A 11 21.27 15.53 10.02
CA HIS A 11 22.20 15.28 8.94
C HIS A 11 22.00 16.38 7.90
N ARG A 12 23.10 16.89 7.34
CA ARG A 12 23.06 17.92 6.31
C ARG A 12 23.07 17.20 4.98
N VAL A 13 22.11 17.51 4.13
CA VAL A 13 21.98 16.89 2.81
C VAL A 13 22.42 17.93 1.79
N ASP A 14 23.31 17.56 0.84
CA ASP A 14 23.71 18.49 -0.23
C ASP A 14 22.61 18.49 -1.29
N GLN A 15 22.38 19.64 -1.97
CA GLN A 15 21.38 19.74 -3.04
C GLN A 15 21.65 18.81 -4.24
N LYS A 16 22.92 18.37 -4.43
CA LYS A 16 23.30 17.44 -5.51
C LYS A 16 22.74 16.03 -5.23
N GLU A 17 22.46 15.73 -3.96
CA GLU A 17 21.95 14.43 -3.54
C GLU A 17 20.42 14.29 -3.67
N ILE A 18 19.70 15.37 -3.98
CA ILE A 18 18.23 15.27 -4.08
C ILE A 18 17.68 15.65 -5.44
N THR A 19 16.55 15.04 -5.79
CA THR A 19 15.79 15.26 -7.02
C THR A 19 14.36 15.64 -6.60
N GLN A 20 13.85 16.78 -7.09
CA GLN A 20 12.50 17.21 -6.77
C GLN A 20 11.53 16.77 -7.87
N LEU A 21 10.50 16.01 -7.48
CA LEU A 21 9.51 15.45 -8.40
C LEU A 21 8.14 16.11 -8.20
N SER A 22 7.02 15.36 -8.34
CA SER A 22 5.66 15.91 -8.29
C SER A 22 5.24 16.57 -6.97
N HIS A 23 4.47 17.65 -7.07
CA HIS A 23 3.92 18.34 -5.92
C HIS A 23 2.88 17.43 -5.26
N LEU A 24 2.95 17.28 -3.93
CA LEU A 24 2.03 16.44 -3.17
C LEU A 24 0.98 17.25 -2.44
N GLY A 25 1.37 18.42 -1.94
CA GLY A 25 0.47 19.29 -1.20
C GLY A 25 1.21 20.37 -0.48
N GLN A 26 0.49 21.15 0.32
CA GLN A 26 1.09 22.24 1.06
C GLN A 26 0.88 22.03 2.54
N GLY A 27 1.89 22.43 3.30
CA GLY A 27 1.86 22.43 4.74
C GLY A 27 1.92 23.88 5.20
N THR A 28 2.12 24.12 6.50
CA THR A 28 2.27 25.49 7.00
C THR A 28 3.60 26.08 6.49
N ARG A 29 3.52 27.11 5.60
CA ARG A 29 4.67 27.79 4.97
C ARG A 29 5.55 26.82 4.16
N THR A 30 5.00 25.65 3.74
CA THR A 30 5.78 24.69 2.96
C THR A 30 4.99 24.17 1.75
N ASN A 31 5.76 23.63 0.80
CA ASN A 31 5.28 22.89 -0.34
C ASN A 31 5.98 21.56 -0.21
N VAL A 32 5.20 20.50 -0.31
CA VAL A 32 5.67 19.14 -0.12
C VAL A 32 5.66 18.42 -1.46
N TYR A 33 6.82 17.84 -1.83
CA TYR A 33 7.01 17.16 -3.11
C TYR A 33 7.49 15.76 -2.89
N GLU A 34 7.26 14.90 -3.86
CA GLU A 34 7.88 13.59 -3.89
C GLU A 34 9.32 13.89 -4.39
N GLY A 35 10.26 13.09 -3.98
CA GLY A 35 11.63 13.27 -4.42
C GLY A 35 12.43 12.00 -4.35
N ARG A 36 13.70 12.11 -4.73
CA ARG A 36 14.67 11.02 -4.67
C ARG A 36 15.89 11.51 -3.92
N LEU A 37 16.46 10.63 -3.12
CA LEU A 37 17.67 10.95 -2.34
C LEU A 37 18.72 9.91 -2.72
N ARG A 38 19.90 10.36 -3.18
CA ARG A 38 20.99 9.47 -3.59
C ARG A 38 21.60 8.80 -2.36
N LEU A 66 16.74 6.47 -2.95
CA LEU A 66 15.60 6.24 -2.06
C LEU A 66 14.48 7.20 -2.41
N ARG A 67 13.24 6.74 -2.37
CA ARG A 67 12.11 7.60 -2.58
C ARG A 67 11.93 8.37 -1.24
N VAL A 68 11.70 9.68 -1.35
CA VAL A 68 11.55 10.54 -0.14
C VAL A 68 10.48 11.57 -0.41
N VAL A 69 10.26 12.38 0.60
CA VAL A 69 9.40 13.53 0.52
C VAL A 69 10.31 14.74 0.82
N LEU A 70 10.12 15.84 0.10
CA LEU A 70 10.87 17.08 0.29
C LEU A 70 9.91 18.13 0.78
N LYS A 71 10.16 18.67 1.98
CA LYS A 71 9.27 19.69 2.55
C LYS A 71 10.01 20.98 2.41
N VAL A 72 9.60 21.77 1.43
CA VAL A 72 10.28 23.00 1.04
C VAL A 72 9.68 24.20 1.75
N LEU A 73 10.44 24.77 2.67
CA LEU A 73 9.96 25.94 3.40
C LEU A 73 10.01 27.13 2.45
N ASP A 74 8.96 27.97 2.48
CA ASP A 74 8.92 29.22 1.72
C ASP A 74 10.15 30.09 2.11
N PRO A 75 10.60 31.07 1.27
CA PRO A 75 11.63 32.02 1.76
C PRO A 75 11.04 32.63 3.04
N SER A 76 11.76 32.52 4.14
CA SER A 76 11.25 32.88 5.44
C SER A 76 12.23 33.64 6.28
N HIS A 77 11.70 34.30 7.31
CA HIS A 77 12.41 35.00 8.37
C HIS A 77 13.28 33.95 9.09
N HIS A 78 14.43 34.39 9.64
CA HIS A 78 15.32 33.49 10.38
C HIS A 78 14.64 32.78 11.56
N ASP A 79 13.67 33.43 12.24
CA ASP A 79 12.92 32.78 13.34
C ASP A 79 12.13 31.56 12.86
N ILE A 80 11.59 31.62 11.64
CA ILE A 80 10.84 30.53 11.04
C ILE A 80 11.80 29.40 10.65
N ALA A 81 12.91 29.73 9.98
CA ALA A 81 13.90 28.71 9.60
C ALA A 81 14.42 28.04 10.87
N LEU A 82 14.68 28.80 11.96
CA LEU A 82 15.13 28.18 13.22
C LEU A 82 14.09 27.18 13.80
N ALA A 83 12.80 27.54 13.74
CA ALA A 83 11.73 26.68 14.22
C ALA A 83 11.61 25.42 13.33
N PHE A 84 11.96 25.55 12.03
CA PHE A 84 11.97 24.43 11.09
C PHE A 84 13.16 23.54 11.43
N TYR A 85 14.34 24.14 11.69
CA TYR A 85 15.54 23.37 12.09
C TYR A 85 15.32 22.65 13.41
N GLU A 86 14.62 23.29 14.39
CA GLU A 86 14.34 22.65 15.68
C GLU A 86 13.49 21.37 15.48
N THR A 87 12.51 21.42 14.53
CA THR A 87 11.69 20.24 14.18
C THR A 87 12.57 19.14 13.58
N ALA A 88 13.45 19.50 12.64
CA ALA A 88 14.34 18.51 12.04
C ALA A 88 15.23 17.88 13.12
N SER A 89 15.73 18.70 14.07
CA SER A 89 16.57 18.25 15.18
C SER A 89 15.82 17.28 16.11
N LEU A 90 14.59 17.65 16.49
CA LEU A 90 13.71 16.82 17.32
C LEU A 90 13.42 15.44 16.67
N MET A 91 13.04 15.45 15.38
CA MET A 91 12.71 14.22 14.68
C MET A 91 13.91 13.33 14.34
N SER A 92 15.11 13.91 14.29
CA SER A 92 16.35 13.17 14.02
C SER A 92 16.89 12.50 15.31
N GLN A 93 16.48 12.98 16.48
CA GLN A 93 16.94 12.45 17.77
C GLN A 93 15.98 11.38 18.36
N VAL A 94 14.86 11.15 17.70
CA VAL A 94 13.88 10.18 18.21
C VAL A 94 13.82 9.00 17.26
N SER A 95 13.34 7.86 17.75
CA SER A 95 13.18 6.66 16.93
C SER A 95 12.01 5.86 17.51
N HIS A 96 10.98 5.64 16.70
CA HIS A 96 9.79 4.91 17.15
C HIS A 96 9.09 4.37 15.92
N THR A 97 8.56 3.14 16.07
CA THR A 97 7.82 2.41 15.04
C THR A 97 6.77 3.30 14.35
N HIS A 98 6.12 4.19 15.12
CA HIS A 98 5.01 4.98 14.59
C HIS A 98 5.36 6.47 14.41
N LEU A 99 6.66 6.80 14.29
CA LEU A 99 7.13 8.16 14.03
C LEU A 99 7.84 8.16 12.68
N ALA A 100 7.52 9.11 11.79
CA ALA A 100 8.18 9.18 10.47
C ALA A 100 9.66 9.54 10.62
N PHE A 101 10.50 8.95 9.75
CA PHE A 101 11.95 9.19 9.76
C PHE A 101 12.34 10.51 9.05
N VAL A 102 13.35 11.20 9.58
CA VAL A 102 13.85 12.42 8.92
C VAL A 102 15.26 12.08 8.39
N HIS A 103 15.47 12.17 7.08
CA HIS A 103 16.79 11.90 6.45
C HIS A 103 17.77 13.05 6.69
N GLY A 104 17.24 14.26 6.75
CA GLY A 104 18.08 15.43 7.00
C GLY A 104 17.50 16.71 6.45
N VAL A 105 18.36 17.75 6.40
CA VAL A 105 18.02 19.10 5.96
C VAL A 105 18.96 19.55 4.86
N CYS A 106 18.38 20.13 3.82
CA CYS A 106 19.13 20.69 2.71
C CYS A 106 18.82 22.20 2.64
N VAL A 107 19.85 23.02 2.49
CA VAL A 107 19.66 24.46 2.27
C VAL A 107 19.93 24.74 0.79
N ARG A 108 18.90 25.18 0.04
CA ARG A 108 19.01 25.42 -1.41
C ARG A 108 18.62 26.86 -1.67
N GLY A 109 19.62 27.74 -1.68
CA GLY A 109 19.43 29.19 -1.81
C GLY A 109 18.60 29.70 -0.65
N PRO A 110 17.46 30.38 -0.91
CA PRO A 110 16.62 30.85 0.21
C PRO A 110 15.67 29.78 0.75
N GLU A 111 15.69 28.58 0.15
CA GLU A 111 14.82 27.48 0.53
C GLU A 111 15.45 26.48 1.51
N ASN A 112 14.76 26.24 2.64
CA ASN A 112 15.15 25.23 3.61
C ASN A 112 14.31 23.99 3.30
N ILE A 113 14.96 22.85 3.11
CA ILE A 113 14.26 21.60 2.73
C ILE A 113 14.42 20.52 3.77
N MET A 114 13.30 19.99 4.29
CA MET A 114 13.42 18.86 5.21
C MET A 114 13.16 17.62 4.37
N VAL A 115 14.10 16.67 4.38
CA VAL A 115 14.05 15.44 3.59
C VAL A 115 13.50 14.37 4.54
N THR A 116 12.26 13.94 4.30
CA THR A 116 11.60 13.04 5.24
C THR A 116 11.10 11.77 4.56
N GLU A 117 10.61 10.83 5.38
CA GLU A 117 10.13 9.53 4.91
C GLU A 117 8.94 9.62 3.96
N TYR A 118 9.04 8.95 2.81
CA TYR A 118 7.90 8.84 1.90
C TYR A 118 7.08 7.69 2.48
N VAL A 119 5.83 7.97 2.85
CA VAL A 119 4.96 6.95 3.47
C VAL A 119 3.91 6.57 2.41
N GLU A 120 3.84 5.27 2.08
CA GLU A 120 3.11 4.71 0.95
C GLU A 120 1.77 5.34 0.60
N HIS A 121 0.84 5.47 1.56
CA HIS A 121 -0.51 5.90 1.22
C HIS A 121 -0.88 7.31 1.65
N GLY A 122 0.11 8.07 2.08
CA GLY A 122 -0.15 9.46 2.41
C GLY A 122 -1.02 9.73 3.62
N PRO A 123 -1.53 10.97 3.72
CA PRO A 123 -2.25 11.40 4.95
C PRO A 123 -3.56 10.70 5.28
N LEU A 124 -3.77 10.43 6.56
CA LEU A 124 -4.99 9.74 7.05
C LEU A 124 -6.29 10.53 6.78
N ASP A 125 -6.29 11.88 6.96
CA ASP A 125 -7.51 12.67 6.77
C ASP A 125 -8.08 12.52 5.35
N VAL A 126 -7.19 12.56 4.35
CA VAL A 126 -7.55 12.43 2.93
C VAL A 126 -8.14 11.05 2.69
N TRP A 127 -7.44 10.01 3.18
CA TRP A 127 -7.92 8.64 3.05
C TRP A 127 -9.29 8.44 3.73
N LEU A 128 -9.47 8.93 4.98
CA LEU A 128 -10.76 8.79 5.68
C LEU A 128 -11.92 9.41 4.90
N ARG A 129 -11.75 10.60 4.33
CA ARG A 129 -12.81 11.26 3.55
C ARG A 129 -13.14 10.46 2.29
N ARG A 130 -12.12 9.89 1.64
CA ARG A 130 -12.31 9.07 0.44
C ARG A 130 -13.07 7.77 0.81
N GLU A 131 -12.80 7.19 1.99
CA GLU A 131 -13.45 5.96 2.44
C GLU A 131 -14.63 6.21 3.41
N ARG A 132 -15.18 7.44 3.46
CA ARG A 132 -16.26 7.82 4.40
C ARG A 132 -17.44 6.84 4.38
N GLY A 133 -17.84 6.39 5.55
CA GLY A 133 -18.94 5.46 5.74
C GLY A 133 -18.56 3.99 5.68
N HIS A 134 -17.29 3.69 5.30
CA HIS A 134 -16.82 2.30 5.16
C HIS A 134 -15.57 2.00 5.95
N VAL A 135 -15.34 2.75 7.06
CA VAL A 135 -14.16 2.53 7.90
C VAL A 135 -14.65 1.96 9.24
N PRO A 136 -14.39 0.67 9.54
CA PRO A 136 -14.94 0.10 10.80
C PRO A 136 -14.26 0.68 12.02
N MET A 137 -14.99 0.64 13.16
CA MET A 137 -14.54 1.11 14.46
C MET A 137 -13.29 0.37 14.93
N ALA A 138 -13.18 -0.93 14.65
CA ALA A 138 -12.00 -1.70 15.07
C ALA A 138 -10.72 -1.16 14.40
N TRP A 139 -10.83 -0.76 13.09
CA TRP A 139 -9.72 -0.16 12.32
C TRP A 139 -9.30 1.17 12.99
N LYS A 140 -10.28 2.01 13.35
CA LYS A 140 -10.05 3.30 14.01
C LYS A 140 -9.37 3.15 15.38
N MET A 141 -9.74 2.09 16.13
CA MET A 141 -9.17 1.80 17.45
C MET A 141 -7.70 1.42 17.35
N VAL A 142 -7.32 0.69 16.29
CA VAL A 142 -5.91 0.31 16.04
C VAL A 142 -5.07 1.59 15.80
N VAL A 143 -5.57 2.50 14.95
CA VAL A 143 -4.92 3.81 14.65
C VAL A 143 -4.75 4.61 15.93
N ALA A 144 -5.83 4.72 16.76
CA ALA A 144 -5.78 5.47 18.02
C ALA A 144 -4.68 4.94 18.93
N GLN A 145 -4.54 3.60 19.06
CA GLN A 145 -3.54 2.97 19.93
C GLN A 145 -2.15 3.22 19.42
N GLN A 146 -1.93 3.12 18.08
CA GLN A 146 -0.63 3.37 17.48
C GLN A 146 -0.23 4.83 17.67
N LEU A 147 -1.20 5.75 17.52
CA LEU A 147 -0.93 7.17 17.72
C LEU A 147 -0.62 7.43 19.20
N ALA A 148 -1.43 6.88 20.14
CA ALA A 148 -1.16 7.04 21.59
C ALA A 148 0.21 6.48 21.98
N SER A 149 0.69 5.39 21.31
CA SER A 149 2.00 4.82 21.60
C SER A 149 3.11 5.74 21.21
N ALA A 150 3.02 6.38 20.00
CA ALA A 150 4.02 7.35 19.55
C ALA A 150 4.04 8.54 20.51
N LEU A 151 2.86 9.01 20.95
CA LEU A 151 2.79 10.17 21.83
C LEU A 151 3.23 9.86 23.27
N SER A 152 3.04 8.63 23.76
CA SER A 152 3.51 8.17 25.09
C SER A 152 5.05 8.18 25.10
N TYR A 153 5.65 7.72 24.01
CA TYR A 153 7.09 7.70 23.79
C TYR A 153 7.63 9.13 23.88
N LEU A 154 6.97 10.10 23.18
CA LEU A 154 7.40 11.51 23.25
C LEU A 154 7.23 12.11 24.63
N GLU A 155 6.09 11.83 25.27
CA GLU A 155 5.75 12.32 26.62
C GLU A 155 6.83 11.85 27.62
N ASN A 156 7.22 10.60 27.56
CA ASN A 156 8.23 10.06 28.46
C ASN A 156 9.62 10.69 28.29
N LYS A 157 9.87 11.30 27.10
CA LYS A 157 11.11 12.00 26.82
C LYS A 157 10.95 13.53 27.02
N ASN A 158 9.75 13.97 27.49
CA ASN A 158 9.38 15.39 27.68
C ASN A 158 9.53 16.19 26.38
N LEU A 159 9.09 15.58 25.27
CA LEU A 159 9.16 16.22 23.96
C LEU A 159 7.77 16.53 23.46
N VAL A 160 7.58 17.73 22.89
CA VAL A 160 6.30 18.20 22.37
C VAL A 160 6.29 18.00 20.86
N HIS A 161 5.19 17.46 20.33
CA HIS A 161 5.01 17.38 18.87
C HIS A 161 4.40 18.74 18.47
N GLY A 162 3.24 19.05 19.01
CA GLY A 162 2.59 20.34 18.78
C GLY A 162 1.80 20.50 17.51
N ASN A 163 1.61 19.39 16.73
CA ASN A 163 0.82 19.45 15.50
C ASN A 163 0.17 18.09 15.22
N VAL A 164 -0.48 17.55 16.26
CA VAL A 164 -1.16 16.24 16.14
C VAL A 164 -2.49 16.49 15.44
N CYS A 165 -2.67 15.88 14.26
CA CYS A 165 -3.90 16.00 13.46
C CYS A 165 -3.87 14.91 12.40
N GLY A 166 -5.01 14.59 11.82
CA GLY A 166 -5.13 13.57 10.79
C GLY A 166 -4.23 13.83 9.60
N ARG A 167 -4.00 15.11 9.24
CA ARG A 167 -3.11 15.46 8.14
C ARG A 167 -1.66 15.04 8.42
N ASN A 168 -1.26 15.04 9.69
CA ASN A 168 0.10 14.62 10.04
C ASN A 168 0.22 13.14 10.40
N ILE A 169 -0.83 12.38 10.16
CA ILE A 169 -0.77 10.94 10.40
C ILE A 169 -0.69 10.31 9.00
N LEU A 170 0.40 9.59 8.69
CA LEU A 170 0.59 9.00 7.38
C LEU A 170 0.34 7.48 7.42
N LEU A 171 -0.24 6.93 6.35
CA LEU A 171 -0.55 5.51 6.29
C LEU A 171 0.48 4.72 5.53
N ALA A 172 1.28 3.89 6.26
CA ALA A 172 2.30 3.00 5.67
C ALA A 172 1.56 1.78 5.13
N ARG A 173 0.51 1.35 5.87
CA ARG A 173 -0.31 0.20 5.47
C ARG A 173 -1.78 0.55 5.70
N LEU A 174 -2.63 0.17 4.78
CA LEU A 174 -4.07 0.49 4.89
C LEU A 174 -4.85 -0.48 5.76
N GLY A 175 -4.47 -1.74 5.79
CA GLY A 175 -5.17 -2.74 6.61
C GLY A 175 -6.58 -3.01 6.12
N LEU A 176 -6.78 -3.03 4.78
CA LEU A 176 -8.08 -3.29 4.13
C LEU A 176 -8.28 -4.78 3.85
N ALA A 177 -7.18 -5.50 3.52
CA ALA A 177 -7.28 -6.94 3.24
C ALA A 177 -7.55 -7.75 4.54
N GLU A 178 -8.26 -8.88 4.40
CA GLU A 178 -8.54 -9.79 5.54
C GLU A 178 -7.25 -10.22 6.23
N GLY A 179 -7.23 -10.19 7.55
CA GLY A 179 -6.06 -10.60 8.33
C GLY A 179 -4.95 -9.56 8.41
N THR A 180 -5.20 -8.33 7.95
CA THR A 180 -4.18 -7.27 8.01
C THR A 180 -4.67 -6.12 8.91
N SER A 181 -3.77 -5.26 9.33
CA SER A 181 -4.14 -4.14 10.18
C SER A 181 -3.49 -2.86 9.63
N PRO A 182 -4.04 -1.66 9.87
CA PRO A 182 -3.36 -0.45 9.37
C PRO A 182 -2.06 -0.22 10.13
N PHE A 183 -1.17 0.56 9.55
CA PHE A 183 0.09 0.92 10.18
C PHE A 183 0.29 2.41 9.92
N ILE A 184 0.37 3.23 10.97
CA ILE A 184 0.54 4.67 10.82
C ILE A 184 1.96 5.13 11.18
N LYS A 185 2.33 6.34 10.67
CA LYS A 185 3.57 7.04 11.04
C LYS A 185 3.14 8.51 11.31
N LEU A 186 3.35 8.99 12.52
CA LEU A 186 3.12 10.38 12.87
C LEU A 186 4.23 11.19 12.21
N SER A 187 3.85 12.09 11.33
CA SER A 187 4.76 12.93 10.55
C SER A 187 5.49 13.92 11.48
N ASP A 188 6.55 14.54 10.97
CA ASP A 188 7.20 15.65 11.68
C ASP A 188 6.13 16.77 11.83
N PRO A 189 6.19 17.60 12.90
CA PRO A 189 5.18 18.66 13.04
C PRO A 189 5.35 19.92 12.18
N GLY A 190 6.38 19.95 11.32
CA GLY A 190 6.67 21.11 10.46
C GLY A 190 7.19 22.30 11.24
N VAL A 191 6.98 23.53 10.75
CA VAL A 191 7.41 24.72 11.50
C VAL A 191 6.81 24.71 12.91
N GLY A 192 7.69 24.81 13.91
CA GLY A 192 7.30 24.81 15.31
C GLY A 192 6.21 25.80 15.63
N LEU A 193 5.23 25.36 16.44
CA LEU A 193 4.08 26.16 16.85
C LEU A 193 4.43 27.53 17.44
N GLY A 194 5.51 27.61 18.22
CA GLY A 194 5.95 28.86 18.84
C GLY A 194 6.32 29.96 17.87
N ALA A 195 6.60 29.62 16.59
CA ALA A 195 6.99 30.59 15.57
C ALA A 195 5.85 31.07 14.67
N LEU A 196 4.66 30.50 14.84
CA LEU A 196 3.51 30.83 14.00
C LEU A 196 2.75 32.07 14.47
N SER A 197 2.05 32.74 13.54
CA SER A 197 1.25 33.93 13.83
C SER A 197 -0.08 33.50 14.48
N ARG A 198 -0.80 34.48 15.10
CA ARG A 198 -2.11 34.24 15.70
C ARG A 198 -3.09 33.68 14.67
N GLU A 199 -3.04 34.20 13.41
CA GLU A 199 -3.91 33.76 12.31
C GLU A 199 -3.67 32.27 12.00
N GLU A 200 -2.39 31.84 11.98
CA GLU A 200 -2.03 30.44 11.75
C GLU A 200 -2.49 29.55 12.90
N ARG A 201 -2.42 30.04 14.14
CA ARG A 201 -2.87 29.27 15.30
C ARG A 201 -4.40 29.10 15.26
N VAL A 202 -5.14 30.17 14.89
CA VAL A 202 -6.61 30.11 14.71
C VAL A 202 -6.95 29.06 13.62
N GLU A 203 -6.17 29.01 12.52
CA GLU A 203 -6.37 28.02 11.43
C GLU A 203 -6.21 26.58 11.93
N ARG A 204 -5.52 26.40 13.06
CA ARG A 204 -5.27 25.08 13.64
C ARG A 204 -6.36 24.59 14.55
N ILE A 205 -7.35 25.44 14.85
CA ILE A 205 -8.51 25.05 15.66
C ILE A 205 -9.33 24.06 14.82
N PRO A 206 -9.78 22.91 15.36
CA PRO A 206 -9.80 22.48 16.78
C PRO A 206 -8.62 21.66 17.30
N TRP A 207 -7.54 21.45 16.49
CA TRP A 207 -6.42 20.64 16.96
C TRP A 207 -5.56 21.40 17.94
N LEU A 208 -5.55 22.72 17.81
CA LEU A 208 -4.77 23.60 18.68
C LEU A 208 -5.33 23.57 20.11
N ALA A 209 -4.46 23.40 21.12
CA ALA A 209 -4.90 23.45 22.52
C ALA A 209 -5.30 24.91 22.83
N PRO A 210 -6.43 25.17 23.55
CA PRO A 210 -6.84 26.57 23.78
C PRO A 210 -5.83 27.46 24.49
N GLU A 211 -5.00 26.89 25.36
CA GLU A 211 -3.95 27.66 26.07
C GLU A 211 -2.85 28.17 25.10
N CYS A 212 -2.81 27.62 23.86
CA CYS A 212 -1.83 28.02 22.83
C CYS A 212 -2.35 29.14 21.99
N LEU A 213 -3.66 29.45 22.10
CA LEU A 213 -4.25 30.51 21.29
C LEU A 213 -3.64 31.88 21.68
N PRO A 214 -3.50 32.27 22.98
CA PRO A 214 -2.84 33.56 23.28
C PRO A 214 -1.33 33.42 23.29
N SER A 221 4.37 22.83 26.43
CA SER A 221 4.07 21.70 27.33
C SER A 221 3.50 20.49 26.58
N THR A 222 3.81 19.27 27.07
CA THR A 222 3.29 18.02 26.53
C THR A 222 1.78 17.92 26.70
N ALA A 223 1.19 18.74 27.61
CA ALA A 223 -0.26 18.80 27.81
C ALA A 223 -0.98 19.22 26.51
N MET A 224 -0.35 20.05 25.65
CA MET A 224 -1.02 20.45 24.39
C MET A 224 -1.29 19.27 23.44
N ASP A 225 -0.40 18.24 23.41
CA ASP A 225 -0.58 17.07 22.55
C ASP A 225 -1.71 16.18 23.02
N LYS A 226 -2.11 16.29 24.30
CA LYS A 226 -3.26 15.51 24.81
C LYS A 226 -4.53 16.09 24.15
N TRP A 227 -4.62 17.43 24.02
CA TRP A 227 -5.76 18.07 23.33
C TRP A 227 -5.70 17.67 21.82
N GLY A 228 -4.54 17.82 21.16
CA GLY A 228 -4.36 17.46 19.74
C GLY A 228 -4.78 16.02 19.49
N PHE A 229 -4.41 15.12 20.40
CA PHE A 229 -4.80 13.71 20.35
C PHE A 229 -6.32 13.56 20.40
N GLY A 230 -6.98 14.23 21.37
CA GLY A 230 -8.44 14.18 21.53
C GLY A 230 -9.18 14.67 20.29
N ALA A 231 -8.72 15.82 19.74
CA ALA A 231 -9.33 16.40 18.53
C ALA A 231 -9.14 15.47 17.33
N THR A 232 -7.98 14.79 17.24
CA THR A 232 -7.67 13.81 16.18
C THR A 232 -8.59 12.59 16.32
N LEU A 233 -8.91 12.14 17.57
CA LEU A 233 -9.86 11.04 17.74
C LEU A 233 -11.22 11.45 17.22
N LEU A 234 -11.66 12.70 17.44
CA LEU A 234 -12.95 13.16 16.90
C LEU A 234 -12.92 13.14 15.36
N GLU A 235 -11.85 13.68 14.78
CA GLU A 235 -11.64 13.74 13.34
C GLU A 235 -11.69 12.34 12.73
N ILE A 236 -11.05 11.35 13.38
CA ILE A 236 -11.05 9.96 12.91
C ILE A 236 -12.47 9.38 13.01
N CYS A 237 -13.11 9.56 14.17
CA CYS A 237 -14.49 9.10 14.40
C CYS A 237 -15.42 9.66 13.32
N PHE A 238 -15.24 10.94 12.96
CA PHE A 238 -16.09 11.59 11.94
C PHE A 238 -15.57 11.39 10.50
N ASP A 239 -14.80 10.34 10.24
CA ASP A 239 -14.26 10.02 8.89
C ASP A 239 -13.55 11.21 8.21
N GLY A 240 -12.67 11.88 8.96
CA GLY A 240 -11.88 13.00 8.46
C GLY A 240 -12.60 14.32 8.36
N GLU A 241 -13.78 14.44 8.98
CA GLU A 241 -14.52 15.70 9.02
C GLU A 241 -14.39 16.26 10.44
N ALA A 242 -13.35 17.07 10.69
CA ALA A 242 -13.15 17.63 12.02
C ALA A 242 -14.18 18.70 12.38
N PRO A 243 -14.63 18.78 13.65
CA PRO A 243 -15.58 19.85 14.03
C PRO A 243 -14.98 21.23 13.80
N LEU A 244 -15.83 22.23 13.53
CA LEU A 244 -15.42 23.63 13.27
C LEU A 244 -14.64 23.77 11.97
N ARG A 247 -15.75 26.42 9.11
CA ARG A 247 -16.15 27.66 9.75
C ARG A 247 -15.10 28.76 9.54
N SER A 248 -15.52 30.02 9.67
CA SER A 248 -14.65 31.19 9.48
C SER A 248 -13.63 31.33 10.63
N PRO A 249 -12.48 32.02 10.43
CA PRO A 249 -11.52 32.18 11.54
C PRO A 249 -12.12 32.87 12.77
N SER A 250 -13.04 33.82 12.56
CA SER A 250 -13.71 34.55 13.64
C SER A 250 -14.60 33.62 14.48
N GLU A 251 -15.34 32.73 13.84
CA GLU A 251 -16.20 31.75 14.52
C GLU A 251 -15.37 30.74 15.33
N LYS A 252 -14.21 30.28 14.78
CA LYS A 252 -13.31 29.35 15.46
C LYS A 252 -12.67 29.99 16.68
N GLU A 253 -12.16 31.23 16.54
CA GLU A 253 -11.55 31.97 17.64
C GLU A 253 -12.61 32.24 18.72
N HIS A 254 -13.85 32.66 18.31
CA HIS A 254 -14.94 32.93 19.26
C HIS A 254 -15.31 31.67 20.05
N PHE A 255 -15.29 30.49 19.38
CA PHE A 255 -15.56 29.20 20.05
C PHE A 255 -14.65 28.98 21.26
N TYR A 256 -13.31 29.19 21.11
CA TYR A 256 -12.34 29.01 22.20
C TYR A 256 -12.47 30.14 23.23
N GLN A 257 -12.65 31.39 22.77
CA GLN A 257 -12.77 32.57 23.67
C GLN A 257 -13.99 32.44 24.59
N ARG A 258 -15.08 31.86 24.06
CA ARG A 258 -16.31 31.62 24.83
C ARG A 258 -16.25 30.29 25.57
N GLN A 259 -15.10 29.56 25.50
CA GLN A 259 -14.83 28.29 26.20
C GLN A 259 -15.76 27.11 25.83
N HIS A 260 -16.38 27.15 24.64
CA HIS A 260 -17.26 26.06 24.19
C HIS A 260 -16.49 24.76 24.00
N ARG A 261 -17.17 23.64 24.23
CA ARG A 261 -16.57 22.32 24.13
C ARG A 261 -16.93 21.63 22.83
N LEU A 262 -16.00 20.81 22.33
CA LEU A 262 -16.17 20.11 21.06
C LEU A 262 -17.28 19.04 21.09
N PRO A 263 -17.91 18.69 19.92
CA PRO A 263 -18.92 17.62 19.94
C PRO A 263 -18.41 16.30 20.48
N GLU A 264 -19.31 15.52 21.04
CA GLU A 264 -18.96 14.18 21.53
C GLU A 264 -18.76 13.25 20.31
N PRO A 265 -17.87 12.24 20.36
CA PRO A 265 -17.72 11.35 19.21
C PRO A 265 -18.95 10.48 18.98
N SER A 266 -19.15 10.07 17.70
CA SER A 266 -20.24 9.19 17.29
C SER A 266 -19.81 7.75 17.48
N LEU A 270 -15.38 6.10 22.69
CA LEU A 270 -14.36 7.14 22.82
C LEU A 270 -14.84 8.41 23.53
N ALA A 271 -16.14 8.45 23.96
CA ALA A 271 -16.76 9.60 24.63
C ALA A 271 -16.05 10.08 25.92
N THR A 272 -15.73 9.17 26.86
CA THR A 272 -15.04 9.55 28.11
C THR A 272 -13.63 10.06 27.83
N LEU A 273 -12.88 9.35 26.98
CA LEU A 273 -11.53 9.72 26.60
C LEU A 273 -11.46 11.12 25.96
N THR A 274 -12.31 11.41 24.95
CA THR A 274 -12.31 12.74 24.33
C THR A 274 -12.73 13.81 25.34
N SER A 275 -13.71 13.52 26.20
CA SER A 275 -14.14 14.46 27.24
C SER A 275 -12.98 14.82 28.20
N GLN A 276 -12.15 13.83 28.56
CA GLN A 276 -10.99 14.06 29.46
C GLN A 276 -9.84 14.80 28.75
N CYS A 277 -9.56 14.47 27.46
CA CYS A 277 -8.48 15.11 26.69
C CYS A 277 -8.86 16.52 26.31
N LEU A 278 -10.14 16.76 25.99
CA LEU A 278 -10.59 18.04 25.47
C LEU A 278 -11.18 18.97 26.56
N THR A 279 -10.45 19.06 27.68
CA THR A 279 -10.76 19.98 28.77
C THR A 279 -9.86 21.21 28.62
N TYR A 280 -10.40 22.40 28.90
CA TYR A 280 -9.65 23.65 28.86
C TYR A 280 -8.57 23.75 29.96
N GLU A 281 -8.63 22.92 31.03
CA GLU A 281 -7.64 22.91 32.11
C GLU A 281 -6.52 21.94 31.69
N PRO A 282 -5.33 22.43 31.29
CA PRO A 282 -4.28 21.50 30.80
C PRO A 282 -3.86 20.41 31.77
N THR A 283 -3.74 20.74 33.08
CA THR A 283 -3.30 19.80 34.10
C THR A 283 -4.28 18.64 34.37
N GLN A 284 -5.56 18.81 33.99
CA GLN A 284 -6.60 17.78 34.14
C GLN A 284 -6.60 16.74 33.01
N ARG A 285 -5.81 16.97 31.93
CA ARG A 285 -5.77 16.02 30.81
C ARG A 285 -4.99 14.75 31.24
N PRO A 286 -5.50 13.55 30.92
CA PRO A 286 -4.78 12.33 31.35
C PRO A 286 -3.45 12.15 30.62
N SER A 287 -2.52 11.38 31.23
CA SER A 287 -1.22 11.08 30.62
C SER A 287 -1.42 10.05 29.51
N PHE A 288 -0.44 9.92 28.60
CA PHE A 288 -0.54 8.94 27.52
C PHE A 288 -0.42 7.51 28.06
N ARG A 289 0.18 7.33 29.25
CA ARG A 289 0.23 6.05 29.95
C ARG A 289 -1.21 5.62 30.27
N THR A 290 -2.02 6.54 30.83
CA THR A 290 -3.43 6.32 31.18
C THR A 290 -4.27 6.16 29.90
N ILE A 291 -4.06 7.03 28.89
CA ILE A 291 -4.79 6.97 27.61
C ILE A 291 -4.59 5.59 26.97
N LEU A 292 -3.32 5.16 26.82
CA LEU A 292 -2.96 3.87 26.23
C LEU A 292 -3.60 2.68 26.98
N ARG A 293 -3.80 2.80 28.31
CA ARG A 293 -4.46 1.79 29.13
C ARG A 293 -5.98 1.82 28.89
N ASP A 294 -6.58 3.03 28.90
CA ASP A 294 -8.01 3.23 28.66
C ASP A 294 -8.45 2.76 27.28
N LEU A 295 -7.57 2.90 26.26
CA LEU A 295 -7.83 2.44 24.89
C LEU A 295 -7.82 0.92 24.86
N PHE B 10 -19.30 -22.12 -8.93
CA PHE B 10 -19.06 -20.82 -8.34
C PHE B 10 -20.34 -20.18 -7.79
N HIS B 11 -20.16 -19.30 -6.82
CA HIS B 11 -21.24 -18.55 -6.20
C HIS B 11 -21.65 -17.41 -7.14
N ARG B 12 -22.96 -17.14 -7.24
CA ARG B 12 -23.48 -16.06 -8.07
C ARG B 12 -23.60 -14.85 -7.18
N VAL B 13 -23.01 -13.74 -7.61
CA VAL B 13 -23.02 -12.48 -6.82
C VAL B 13 -23.98 -11.53 -7.54
N ASP B 14 -24.95 -10.94 -6.82
CA ASP B 14 -25.85 -9.97 -7.42
C ASP B 14 -25.10 -8.62 -7.49
N GLN B 15 -25.40 -7.81 -8.51
CA GLN B 15 -24.78 -6.49 -8.68
C GLN B 15 -25.11 -5.53 -7.51
N LYS B 16 -26.19 -5.79 -6.74
CA LYS B 16 -26.57 -4.97 -5.57
C LYS B 16 -25.57 -5.20 -4.41
N GLU B 17 -24.87 -6.35 -4.41
CA GLU B 17 -23.91 -6.70 -3.36
C GLU B 17 -22.50 -6.11 -3.59
N ILE B 18 -22.24 -5.51 -4.75
CA ILE B 18 -20.88 -4.99 -5.02
C ILE B 18 -20.87 -3.50 -5.28
N THR B 19 -19.73 -2.88 -4.98
CA THR B 19 -19.49 -1.46 -5.26
C THR B 19 -18.16 -1.44 -5.99
N GLN B 20 -18.13 -0.80 -7.16
CA GLN B 20 -16.93 -0.72 -7.98
C GLN B 20 -16.19 0.55 -7.59
N LEU B 21 -14.91 0.41 -7.25
CA LEU B 21 -14.08 1.54 -6.84
C LEU B 21 -13.01 1.83 -7.90
N SER B 22 -11.79 2.24 -7.51
CA SER B 22 -10.74 2.65 -8.45
C SER B 22 -10.22 1.58 -9.40
N HIS B 23 -9.87 1.99 -10.62
CA HIS B 23 -9.26 1.10 -11.61
C HIS B 23 -7.85 0.75 -11.13
N LEU B 24 -7.52 -0.54 -11.20
CA LEU B 24 -6.21 -1.03 -10.78
C LEU B 24 -5.31 -1.33 -11.95
N GLY B 25 -5.87 -1.91 -12.99
CA GLY B 25 -5.06 -2.25 -14.16
C GLY B 25 -5.84 -3.11 -15.12
N GLN B 26 -5.18 -3.59 -16.15
CA GLN B 26 -5.86 -4.42 -17.14
C GLN B 26 -5.23 -5.79 -17.22
N GLY B 27 -6.06 -6.79 -17.46
CA GLY B 27 -5.62 -8.15 -17.72
C GLY B 27 -5.99 -8.50 -19.15
N THR B 28 -5.88 -9.78 -19.54
CA THR B 28 -6.28 -10.18 -20.91
C THR B 28 -7.81 -10.09 -21.04
N ARG B 29 -8.31 -9.15 -21.90
CA ARG B 29 -9.75 -8.88 -22.13
C ARG B 29 -10.48 -8.42 -20.85
N THR B 30 -9.74 -7.93 -19.83
CA THR B 30 -10.38 -7.49 -18.61
C THR B 30 -9.82 -6.14 -18.12
N ASN B 31 -10.60 -5.49 -17.26
CA ASN B 31 -10.25 -4.30 -16.49
C ASN B 31 -10.47 -4.75 -15.05
N VAL B 32 -9.51 -4.48 -14.20
CA VAL B 32 -9.54 -4.87 -12.80
C VAL B 32 -9.69 -3.65 -11.95
N TYR B 33 -10.67 -3.68 -11.03
CA TYR B 33 -10.97 -2.57 -10.12
C TYR B 33 -10.94 -3.05 -8.68
N GLU B 34 -10.70 -2.12 -7.78
CA GLU B 34 -10.87 -2.39 -6.36
C GLU B 34 -12.39 -2.32 -6.14
N GLY B 35 -12.89 -3.03 -5.15
CA GLY B 35 -14.31 -3.01 -4.87
C GLY B 35 -14.63 -3.39 -3.44
N ARG B 36 -15.92 -3.36 -3.10
CA ARG B 36 -16.45 -3.80 -1.82
C ARG B 36 -17.55 -4.81 -2.08
N LEU B 37 -17.60 -5.83 -1.25
CA LEU B 37 -18.61 -6.87 -1.38
C LEU B 37 -19.35 -6.96 -0.06
N ARG B 38 -20.67 -6.84 -0.10
CA ARG B 38 -21.52 -6.89 1.12
C ARG B 38 -21.54 -8.32 1.67
N GLU B 65 -19.05 -5.76 5.06
CA GLU B 65 -18.28 -5.47 3.86
C GLU B 65 -16.86 -6.04 3.86
N LEU B 66 -16.48 -6.55 2.70
CA LEU B 66 -15.15 -7.07 2.46
C LEU B 66 -14.51 -6.27 1.30
N ARG B 67 -13.21 -5.98 1.41
CA ARG B 67 -12.50 -5.37 0.28
C ARG B 67 -12.21 -6.49 -0.71
N VAL B 68 -12.48 -6.24 -2.00
CA VAL B 68 -12.31 -7.25 -3.06
C VAL B 68 -11.71 -6.59 -4.29
N VAL B 69 -11.46 -7.42 -5.31
CA VAL B 69 -11.13 -6.91 -6.65
C VAL B 69 -12.21 -7.44 -7.59
N LEU B 70 -12.53 -6.65 -8.60
CA LEU B 70 -13.55 -6.98 -9.59
C LEU B 70 -12.85 -7.05 -10.92
N LYS B 71 -12.83 -8.25 -11.52
CA LYS B 71 -12.17 -8.48 -12.82
C LYS B 71 -13.28 -8.50 -13.87
N VAL B 72 -13.39 -7.38 -14.58
CA VAL B 72 -14.51 -7.12 -15.51
C VAL B 72 -14.11 -7.52 -16.91
N LEU B 73 -14.77 -8.54 -17.43
CA LEU B 73 -14.48 -9.03 -18.76
C LEU B 73 -15.13 -8.07 -19.75
N ASP B 74 -14.41 -7.77 -20.83
CA ASP B 74 -14.94 -6.95 -21.93
C ASP B 74 -16.21 -7.65 -22.50
N PRO B 75 -17.13 -6.94 -23.21
CA PRO B 75 -18.21 -7.66 -23.92
C PRO B 75 -17.54 -8.71 -24.80
N SER B 76 -18.03 -9.93 -24.72
CA SER B 76 -17.38 -11.07 -25.34
C SER B 76 -18.34 -12.06 -25.94
N HIS B 77 -17.82 -12.89 -26.85
CA HIS B 77 -18.60 -13.98 -27.41
C HIS B 77 -18.83 -15.01 -26.31
N HIS B 78 -19.90 -15.84 -26.45
CA HIS B 78 -20.23 -16.88 -25.49
C HIS B 78 -19.05 -17.82 -25.20
N ASP B 79 -18.22 -18.17 -26.21
CA ASP B 79 -17.09 -19.08 -25.97
C ASP B 79 -16.03 -18.45 -25.04
N ILE B 80 -15.79 -17.16 -25.19
CA ILE B 80 -14.85 -16.44 -24.28
C ILE B 80 -15.46 -16.36 -22.85
N ALA B 81 -16.75 -15.97 -22.74
CA ALA B 81 -17.42 -15.89 -21.44
C ALA B 81 -17.32 -17.28 -20.77
N LEU B 82 -17.57 -18.37 -21.51
CA LEU B 82 -17.44 -19.74 -20.98
C LEU B 82 -16.02 -20.04 -20.44
N ALA B 83 -14.96 -19.64 -21.17
CA ALA B 83 -13.59 -19.81 -20.71
C ALA B 83 -13.35 -19.02 -19.38
N PHE B 84 -14.01 -17.85 -19.22
CA PHE B 84 -13.91 -17.03 -17.99
C PHE B 84 -14.66 -17.76 -16.85
N TYR B 85 -15.87 -18.32 -17.15
CA TYR B 85 -16.63 -19.09 -16.15
C TYR B 85 -15.86 -20.33 -15.72
N GLU B 86 -15.14 -21.00 -16.67
CA GLU B 86 -14.34 -22.19 -16.35
C GLU B 86 -13.24 -21.83 -15.32
N THR B 87 -12.59 -20.66 -15.49
CA THR B 87 -11.58 -20.16 -14.53
C THR B 87 -12.21 -19.91 -13.17
N ALA B 88 -13.39 -19.25 -13.14
CA ALA B 88 -14.06 -18.99 -11.85
C ALA B 88 -14.40 -20.34 -11.17
N SER B 89 -14.85 -21.32 -11.96
CA SER B 89 -15.21 -22.67 -11.46
C SER B 89 -13.97 -23.39 -10.90
N LEU B 90 -12.85 -23.36 -11.63
CA LEU B 90 -11.57 -23.95 -11.20
C LEU B 90 -11.09 -23.34 -9.87
N MET B 91 -11.08 -22.01 -9.78
CA MET B 91 -10.60 -21.31 -8.59
C MET B 91 -11.53 -21.41 -7.39
N SER B 92 -12.82 -21.67 -7.62
CA SER B 92 -13.80 -21.84 -6.54
C SER B 92 -13.77 -23.26 -5.96
N GLN B 93 -13.24 -24.23 -6.70
CA GLN B 93 -13.19 -25.63 -6.29
C GLN B 93 -11.86 -26.02 -5.62
N VAL B 94 -10.89 -25.11 -5.62
CA VAL B 94 -9.59 -25.38 -5.00
C VAL B 94 -9.48 -24.55 -3.76
N SER B 95 -8.60 -24.96 -2.84
CA SER B 95 -8.38 -24.21 -1.63
C SER B 95 -6.93 -24.44 -1.22
N HIS B 96 -6.14 -23.33 -1.16
CA HIS B 96 -4.73 -23.43 -0.81
C HIS B 96 -4.32 -22.09 -0.32
N THR B 97 -3.52 -22.07 0.73
CA THR B 97 -3.10 -20.80 1.31
C THR B 97 -2.38 -19.86 0.27
N HIS B 98 -1.75 -20.42 -0.77
CA HIS B 98 -1.06 -19.58 -1.78
C HIS B 98 -1.82 -19.47 -3.08
N LEU B 99 -3.14 -19.69 -3.03
CA LEU B 99 -4.03 -19.50 -4.19
C LEU B 99 -5.05 -18.44 -3.82
N ALA B 100 -5.26 -17.43 -4.70
CA ALA B 100 -6.24 -16.38 -4.38
C ALA B 100 -7.64 -16.93 -4.35
N PHE B 101 -8.48 -16.44 -3.41
CA PHE B 101 -9.86 -16.84 -3.26
C PHE B 101 -10.78 -16.20 -4.30
N VAL B 102 -11.78 -16.93 -4.79
CA VAL B 102 -12.76 -16.35 -5.72
C VAL B 102 -14.09 -16.29 -4.93
N HIS B 103 -14.63 -15.07 -4.76
CA HIS B 103 -15.91 -14.87 -4.05
C HIS B 103 -17.09 -15.31 -4.91
N GLY B 104 -16.95 -15.10 -6.21
CA GLY B 104 -18.00 -15.49 -7.13
C GLY B 104 -18.00 -14.69 -8.43
N VAL B 105 -19.09 -14.83 -9.17
CA VAL B 105 -19.29 -14.22 -10.49
C VAL B 105 -20.57 -13.40 -10.51
N CYS B 106 -20.45 -12.18 -11.04
CA CYS B 106 -21.58 -11.27 -11.21
C CYS B 106 -21.76 -10.99 -12.71
N VAL B 107 -22.99 -11.03 -13.19
CA VAL B 107 -23.28 -10.66 -14.60
C VAL B 107 -23.96 -9.28 -14.56
N ARG B 108 -23.34 -8.29 -15.17
CA ARG B 108 -23.86 -6.91 -15.16
C ARG B 108 -24.00 -6.45 -16.61
N GLY B 109 -25.17 -6.65 -17.20
CA GLY B 109 -25.41 -6.33 -18.61
C GLY B 109 -24.53 -7.22 -19.48
N PRO B 110 -23.71 -6.63 -20.38
CA PRO B 110 -22.81 -7.46 -21.20
C PRO B 110 -21.51 -7.81 -20.50
N GLU B 111 -21.32 -7.32 -19.27
CA GLU B 111 -20.11 -7.51 -18.48
C GLU B 111 -20.16 -8.68 -17.52
N ASN B 112 -19.18 -9.61 -17.65
CA ASN B 112 -19.00 -10.72 -16.72
C ASN B 112 -17.94 -10.28 -15.72
N ILE B 113 -18.25 -10.37 -14.42
CA ILE B 113 -17.33 -9.89 -13.38
C ILE B 113 -16.91 -11.02 -12.47
N MET B 114 -15.61 -11.25 -12.33
CA MET B 114 -15.16 -12.25 -11.37
C MET B 114 -14.77 -11.44 -10.12
N VAL B 115 -15.36 -11.79 -8.97
CA VAL B 115 -15.13 -11.09 -7.69
C VAL B 115 -14.08 -11.91 -6.97
N THR B 116 -12.86 -11.37 -6.85
CA THR B 116 -11.74 -12.14 -6.32
C THR B 116 -11.05 -11.45 -5.16
N GLU B 117 -10.12 -12.16 -4.55
CA GLU B 117 -9.43 -11.70 -3.35
C GLU B 117 -8.60 -10.43 -3.56
N TYR B 118 -8.80 -9.49 -2.67
CA TYR B 118 -8.00 -8.26 -2.66
C TYR B 118 -6.75 -8.54 -1.77
N VAL B 119 -5.54 -8.15 -2.22
CA VAL B 119 -4.32 -8.22 -1.42
C VAL B 119 -3.85 -6.79 -1.11
N GLU B 120 -3.13 -6.63 -0.02
CA GLU B 120 -2.63 -5.30 0.35
C GLU B 120 -1.66 -4.70 -0.68
N HIS B 121 -0.77 -5.50 -1.25
CA HIS B 121 0.32 -4.90 -2.02
C HIS B 121 0.31 -5.05 -3.55
N GLY B 122 -0.67 -5.76 -4.08
CA GLY B 122 -0.79 -5.94 -5.52
C GLY B 122 0.22 -6.89 -6.14
N PRO B 123 0.31 -6.89 -7.48
CA PRO B 123 1.23 -7.82 -8.20
C PRO B 123 2.71 -7.67 -7.91
N LEU B 124 3.38 -8.81 -7.90
CA LEU B 124 4.82 -8.91 -7.64
C LEU B 124 5.69 -8.18 -8.69
N ASP B 125 5.37 -8.31 -10.00
CA ASP B 125 6.21 -7.70 -11.05
C ASP B 125 6.37 -6.19 -10.85
N VAL B 126 5.26 -5.50 -10.53
CA VAL B 126 5.21 -4.05 -10.32
C VAL B 126 6.10 -3.70 -9.14
N TRP B 127 5.91 -4.40 -8.03
CA TRP B 127 6.70 -4.17 -6.84
C TRP B 127 8.21 -4.42 -7.08
N LEU B 128 8.57 -5.55 -7.75
CA LEU B 128 9.99 -5.81 -8.04
C LEU B 128 10.67 -4.69 -8.84
N ARG B 129 10.00 -4.15 -9.88
CA ARG B 129 10.56 -3.06 -10.70
C ARG B 129 10.76 -1.81 -9.88
N ARG B 130 9.79 -1.51 -9.00
CA ARG B 130 9.86 -0.34 -8.12
C ARG B 130 11.01 -0.49 -7.10
N GLU B 131 11.26 -1.73 -6.61
CA GLU B 131 12.31 -2.00 -5.62
C GLU B 131 13.60 -2.56 -6.24
N ARG B 132 13.79 -2.42 -7.57
CA ARG B 132 14.95 -2.96 -8.29
C ARG B 132 16.29 -2.63 -7.63
N GLY B 133 17.10 -3.66 -7.41
CA GLY B 133 18.41 -3.55 -6.78
C GLY B 133 18.42 -3.66 -5.28
N HIS B 134 17.24 -3.65 -4.63
CA HIS B 134 17.12 -3.72 -3.17
C HIS B 134 16.26 -4.90 -2.68
N VAL B 135 16.13 -5.97 -3.51
CA VAL B 135 15.35 -7.15 -3.12
C VAL B 135 16.34 -8.29 -2.87
N PRO B 136 16.52 -8.73 -1.60
CA PRO B 136 17.51 -9.78 -1.34
C PRO B 136 17.08 -11.13 -1.90
N MET B 137 18.07 -11.98 -2.20
CA MET B 137 17.90 -13.33 -2.72
C MET B 137 17.08 -14.19 -1.77
N ALA B 138 17.24 -14.03 -0.43
CA ALA B 138 16.47 -14.83 0.54
C ALA B 138 14.98 -14.55 0.40
N TRP B 139 14.59 -13.27 0.17
CA TRP B 139 13.19 -12.83 -0.03
C TRP B 139 12.64 -13.54 -1.30
N LYS B 140 13.42 -13.52 -2.39
CA LYS B 140 13.04 -14.16 -3.68
C LYS B 140 12.86 -15.67 -3.55
N MET B 141 13.70 -16.33 -2.73
CA MET B 141 13.64 -17.77 -2.48
C MET B 141 12.36 -18.16 -1.72
N VAL B 142 11.86 -17.30 -0.82
CA VAL B 142 10.59 -17.53 -0.10
C VAL B 142 9.45 -17.53 -1.12
N VAL B 143 9.43 -16.52 -2.00
CA VAL B 143 8.41 -16.39 -3.06
C VAL B 143 8.42 -17.62 -3.94
N ALA B 144 9.62 -18.06 -4.41
CA ALA B 144 9.75 -19.23 -5.28
C ALA B 144 9.16 -20.48 -4.64
N GLN B 145 9.45 -20.72 -3.35
CA GLN B 145 8.96 -21.90 -2.63
C GLN B 145 7.47 -21.87 -2.44
N GLN B 146 6.94 -20.68 -2.14
CA GLN B 146 5.49 -20.56 -1.93
C GLN B 146 4.78 -20.77 -3.25
N LEU B 147 5.33 -20.23 -4.34
CA LEU B 147 4.74 -20.42 -5.65
C LEU B 147 4.81 -21.90 -6.03
N ALA B 148 5.98 -22.57 -5.83
CA ALA B 148 6.08 -24.02 -6.12
C ALA B 148 5.08 -24.85 -5.29
N SER B 149 4.76 -24.41 -4.05
CA SER B 149 3.80 -25.13 -3.21
C SER B 149 2.40 -25.04 -3.79
N ALA B 150 1.96 -23.82 -4.25
CA ALA B 150 0.64 -23.67 -4.88
C ALA B 150 0.57 -24.53 -6.14
N LEU B 151 1.66 -24.54 -6.94
CA LEU B 151 1.66 -25.30 -8.19
C LEU B 151 1.73 -26.82 -7.97
N SER B 152 2.39 -27.28 -6.88
CA SER B 152 2.46 -28.72 -6.53
C SER B 152 1.05 -29.21 -6.14
N TYR B 153 0.32 -28.38 -5.41
CA TYR B 153 -1.06 -28.63 -5.03
C TYR B 153 -1.92 -28.81 -6.29
N LEU B 154 -1.77 -27.90 -7.29
CA LEU B 154 -2.55 -28.00 -8.54
C LEU B 154 -2.16 -29.23 -9.33
N GLU B 155 -0.86 -29.51 -9.41
CA GLU B 155 -0.31 -30.65 -10.15
C GLU B 155 -0.90 -31.96 -9.55
N ASN B 156 -1.00 -32.02 -8.21
CA ASN B 156 -1.55 -33.19 -7.50
C ASN B 156 -3.00 -33.45 -7.87
N LYS B 157 -3.71 -32.40 -8.25
CA LYS B 157 -5.12 -32.48 -8.62
C LYS B 157 -5.31 -32.54 -10.14
N ASN B 158 -4.18 -32.59 -10.92
CA ASN B 158 -4.16 -32.59 -12.39
C ASN B 158 -4.87 -31.37 -12.96
N LEU B 159 -4.65 -30.20 -12.34
CA LEU B 159 -5.25 -28.95 -12.75
C LEU B 159 -4.20 -28.03 -13.33
N VAL B 160 -4.53 -27.37 -14.44
CA VAL B 160 -3.66 -26.46 -15.17
C VAL B 160 -4.03 -25.02 -14.81
N HIS B 161 -3.04 -24.18 -14.48
CA HIS B 161 -3.30 -22.76 -14.24
C HIS B 161 -3.21 -22.09 -15.62
N GLY B 162 -2.06 -22.22 -16.27
CA GLY B 162 -1.82 -21.72 -17.61
C GLY B 162 -1.53 -20.24 -17.77
N ASN B 163 -1.28 -19.54 -16.66
CA ASN B 163 -0.92 -18.13 -16.71
C ASN B 163 -0.01 -17.76 -15.54
N VAL B 164 1.02 -18.58 -15.32
CA VAL B 164 1.99 -18.34 -14.23
C VAL B 164 2.95 -17.25 -14.68
N CYS B 165 2.95 -16.11 -13.99
CA CYS B 165 3.84 -14.97 -14.27
C CYS B 165 3.82 -14.06 -13.05
N GLY B 166 4.79 -13.15 -12.98
CA GLY B 166 4.90 -12.19 -11.89
C GLY B 166 3.67 -11.34 -11.71
N ARG B 167 2.98 -11.02 -12.81
CA ARG B 167 1.75 -10.21 -12.75
C ARG B 167 0.65 -10.96 -12.01
N ASN B 168 0.64 -12.29 -12.08
CA ASN B 168 -0.39 -13.08 -11.42
C ASN B 168 0.03 -13.55 -10.02
N ILE B 169 1.15 -13.05 -9.51
CA ILE B 169 1.59 -13.40 -8.15
C ILE B 169 1.30 -12.14 -7.33
N LEU B 170 0.37 -12.28 -6.41
CA LEU B 170 -0.12 -11.18 -5.59
C LEU B 170 0.58 -11.18 -4.26
N LEU B 171 1.01 -10.00 -3.81
CA LEU B 171 1.72 -9.92 -2.53
C LEU B 171 0.74 -9.60 -1.38
N ALA B 172 0.39 -10.60 -0.56
CA ALA B 172 -0.50 -10.40 0.59
C ALA B 172 0.28 -9.74 1.74
N ARG B 173 1.59 -10.07 1.83
CA ARG B 173 2.56 -9.49 2.78
C ARG B 173 3.87 -9.24 2.03
N LEU B 174 4.52 -8.14 2.36
CA LEU B 174 5.87 -7.88 1.85
C LEU B 174 6.82 -8.42 2.91
N GLY B 175 6.38 -8.45 4.17
CA GLY B 175 7.18 -8.90 5.31
C GLY B 175 8.32 -7.96 5.65
N LEU B 176 8.15 -6.66 5.33
CA LEU B 176 9.17 -5.64 5.55
C LEU B 176 8.89 -4.77 6.79
N ALA B 177 7.62 -4.41 7.01
CA ALA B 177 7.20 -3.60 8.17
C ALA B 177 7.27 -4.42 9.45
N SER B 181 8.96 -11.99 6.50
CA SER B 181 9.06 -12.59 5.17
C SER B 181 7.78 -12.38 4.30
N PRO B 182 7.92 -12.49 2.97
CA PRO B 182 6.74 -12.26 2.10
C PRO B 182 5.73 -13.39 2.10
N PHE B 183 4.51 -13.09 1.64
CA PHE B 183 3.45 -14.07 1.59
C PHE B 183 2.67 -13.81 0.31
N ILE B 184 2.68 -14.76 -0.62
CA ILE B 184 2.01 -14.56 -1.92
C ILE B 184 0.74 -15.35 -2.09
N LYS B 185 -0.04 -14.94 -3.10
CA LYS B 185 -1.24 -15.65 -3.53
C LYS B 185 -1.16 -15.68 -5.06
N LEU B 186 -1.17 -16.86 -5.65
CA LEU B 186 -1.23 -16.99 -7.11
C LEU B 186 -2.68 -16.65 -7.52
N SER B 187 -2.81 -15.60 -8.32
CA SER B 187 -4.09 -15.09 -8.78
C SER B 187 -4.77 -16.10 -9.71
N ASP B 188 -6.07 -15.89 -9.95
CA ASP B 188 -6.79 -16.70 -10.94
C ASP B 188 -6.09 -16.44 -12.32
N PRO B 189 -6.08 -17.42 -13.24
CA PRO B 189 -5.40 -17.19 -14.54
C PRO B 189 -6.17 -16.33 -15.56
N GLY B 190 -7.37 -15.85 -15.21
CA GLY B 190 -8.20 -15.05 -16.13
C GLY B 190 -8.81 -15.90 -17.23
N VAL B 191 -9.13 -15.31 -18.39
CA VAL B 191 -9.68 -16.08 -19.51
C VAL B 191 -8.75 -17.25 -19.85
N GLY B 192 -9.30 -18.45 -19.84
CA GLY B 192 -8.57 -19.67 -20.14
C GLY B 192 -7.75 -19.59 -21.41
N LEU B 193 -6.49 -20.05 -21.33
CA LEU B 193 -5.52 -20.06 -22.43
C LEU B 193 -6.07 -20.65 -23.74
N GLY B 194 -6.86 -21.72 -23.66
CA GLY B 194 -7.44 -22.38 -24.83
C GLY B 194 -8.37 -21.53 -25.66
N ALA B 195 -8.89 -20.43 -25.09
CA ALA B 195 -9.82 -19.51 -25.79
C ALA B 195 -9.14 -18.28 -26.41
N LEU B 196 -7.84 -18.10 -26.17
CA LEU B 196 -7.11 -16.95 -26.68
C LEU B 196 -6.65 -17.07 -28.11
N SER B 197 -6.45 -15.94 -28.79
CA SER B 197 -5.96 -15.89 -30.18
C SER B 197 -4.44 -16.11 -30.19
N ARG B 198 -3.90 -16.42 -31.39
CA ARG B 198 -2.45 -16.60 -31.56
C ARG B 198 -1.69 -15.34 -31.14
N GLU B 199 -2.24 -14.15 -31.45
CA GLU B 199 -1.64 -12.86 -31.10
C GLU B 199 -1.52 -12.71 -29.56
N GLU B 200 -2.56 -13.11 -28.83
CA GLU B 200 -2.57 -13.09 -27.37
C GLU B 200 -1.57 -14.07 -26.78
N ARG B 201 -1.43 -15.25 -27.40
CA ARG B 201 -0.46 -16.25 -26.94
C ARG B 201 0.98 -15.75 -27.16
N VAL B 202 1.24 -15.13 -28.32
CA VAL B 202 2.55 -14.50 -28.59
C VAL B 202 2.86 -13.41 -27.53
N GLU B 203 1.85 -12.60 -27.14
CA GLU B 203 2.00 -11.57 -26.11
C GLU B 203 2.42 -12.17 -24.75
N ARG B 204 2.13 -13.45 -24.54
CA ARG B 204 2.40 -14.18 -23.29
C ARG B 204 3.84 -14.77 -23.23
N ILE B 205 4.62 -14.63 -24.33
CA ILE B 205 6.02 -15.07 -24.39
C ILE B 205 6.85 -14.08 -23.55
N PRO B 206 7.76 -14.52 -22.66
CA PRO B 206 8.29 -15.88 -22.44
C PRO B 206 7.60 -16.79 -21.42
N TRP B 207 6.45 -16.37 -20.83
CA TRP B 207 5.80 -17.21 -19.82
C TRP B 207 5.03 -18.36 -20.47
N LEU B 208 4.60 -18.15 -21.70
CA LEU B 208 3.88 -19.16 -22.45
C LEU B 208 4.79 -20.37 -22.78
N ALA B 209 4.34 -21.59 -22.53
CA ALA B 209 5.12 -22.78 -22.89
C ALA B 209 5.14 -22.88 -24.42
N PRO B 210 6.29 -23.20 -25.06
CA PRO B 210 6.34 -23.22 -26.54
C PRO B 210 5.35 -24.14 -27.23
N GLU B 211 4.99 -25.26 -26.59
CA GLU B 211 4.01 -26.21 -27.13
C GLU B 211 2.58 -25.59 -27.20
N CYS B 212 2.36 -24.46 -26.52
CA CYS B 212 1.07 -23.76 -26.50
C CYS B 212 0.99 -22.73 -27.58
N LEU B 213 2.12 -22.41 -28.23
CA LEU B 213 2.14 -21.43 -29.29
C LEU B 213 1.30 -21.93 -30.50
N PRO B 214 1.44 -23.18 -31.02
CA PRO B 214 0.55 -23.62 -32.11
C PRO B 214 -0.80 -24.10 -31.58
N SER B 221 -2.07 -29.47 -20.63
CA SER B 221 -1.21 -30.28 -19.77
C SER B 221 -0.59 -29.45 -18.65
N THR B 222 -0.39 -30.06 -17.45
CA THR B 222 0.23 -29.40 -16.29
C THR B 222 1.71 -29.14 -16.54
N ALA B 223 2.28 -29.79 -17.59
CA ALA B 223 3.67 -29.53 -17.99
C ALA B 223 3.85 -28.06 -18.41
N MET B 224 2.80 -27.38 -18.94
CA MET B 224 2.95 -25.96 -19.31
C MET B 224 3.27 -25.06 -18.11
N ASP B 225 2.80 -25.41 -16.90
CA ASP B 225 3.03 -24.55 -15.74
C ASP B 225 4.45 -24.66 -15.23
N LYS B 226 5.18 -25.72 -15.61
CA LYS B 226 6.60 -25.85 -15.23
C LYS B 226 7.37 -24.84 -16.02
N TRP B 227 7.01 -24.64 -17.30
CA TRP B 227 7.68 -23.61 -18.10
C TRP B 227 7.33 -22.23 -17.50
N GLY B 228 6.03 -21.97 -17.24
CA GLY B 228 5.60 -20.68 -16.67
C GLY B 228 6.32 -20.41 -15.37
N PHE B 229 6.47 -21.44 -14.53
CA PHE B 229 7.23 -21.35 -13.27
C PHE B 229 8.68 -20.93 -13.52
N GLY B 230 9.36 -21.61 -14.44
CA GLY B 230 10.74 -21.29 -14.80
C GLY B 230 10.95 -19.88 -15.30
N ALA B 231 10.05 -19.40 -16.20
CA ALA B 231 10.10 -18.04 -16.74
C ALA B 231 9.86 -17.01 -15.65
N THR B 232 8.97 -17.34 -14.69
CA THR B 232 8.67 -16.48 -13.53
C THR B 232 9.91 -16.39 -12.60
N LEU B 233 10.63 -17.52 -12.43
CA LEU B 233 11.91 -17.48 -11.66
C LEU B 233 12.90 -16.52 -12.29
N LEU B 234 13.02 -16.51 -13.64
CA LEU B 234 13.92 -15.57 -14.33
C LEU B 234 13.47 -14.12 -14.10
N GLU B 235 12.17 -13.87 -14.27
CA GLU B 235 11.54 -12.57 -14.08
C GLU B 235 11.83 -12.05 -12.65
N ILE B 236 11.69 -12.93 -11.63
CA ILE B 236 11.97 -12.55 -10.22
C ILE B 236 13.46 -12.23 -10.04
N CYS B 237 14.33 -13.13 -10.54
CA CYS B 237 15.78 -12.92 -10.48
C CYS B 237 16.17 -11.59 -11.10
N PHE B 238 15.55 -11.23 -12.24
CA PHE B 238 15.84 -9.98 -12.94
C PHE B 238 15.02 -8.77 -12.42
N ASP B 239 14.53 -8.82 -11.15
CA ASP B 239 13.75 -7.73 -10.55
C ASP B 239 12.56 -7.25 -11.43
N GLY B 240 11.80 -8.21 -11.95
CA GLY B 240 10.60 -7.91 -12.73
C GLY B 240 10.83 -7.55 -14.19
N GLU B 241 12.07 -7.75 -14.69
CA GLU B 241 12.39 -7.49 -16.08
C GLU B 241 12.54 -8.85 -16.78
N ALA B 242 11.45 -9.37 -17.32
CA ALA B 242 11.47 -10.68 -17.98
C ALA B 242 12.22 -10.61 -19.33
N PRO B 243 12.97 -11.67 -19.71
CA PRO B 243 13.63 -11.68 -21.02
C PRO B 243 12.63 -11.58 -22.16
N LEU B 244 13.06 -11.03 -23.33
CA LEU B 244 12.25 -10.89 -24.54
C LEU B 244 10.92 -10.17 -24.28
N ARG B 247 10.38 -6.57 -26.66
CA ARG B 247 10.59 -6.97 -28.05
C ARG B 247 9.26 -7.04 -28.79
N SER B 248 9.32 -6.97 -30.13
CA SER B 248 8.15 -6.99 -31.01
C SER B 248 7.50 -8.39 -31.04
N PRO B 249 6.20 -8.52 -31.39
CA PRO B 249 5.60 -9.87 -31.45
C PRO B 249 6.30 -10.82 -32.42
N SER B 250 6.81 -10.28 -33.55
CA SER B 250 7.53 -11.07 -34.56
C SER B 250 8.82 -11.64 -34.01
N GLU B 251 9.59 -10.85 -33.24
CA GLU B 251 10.84 -11.27 -32.61
C GLU B 251 10.59 -12.37 -31.55
N LYS B 252 9.51 -12.21 -30.74
CA LYS B 252 9.12 -13.19 -29.71
C LYS B 252 8.70 -14.51 -30.34
N GLU B 253 7.82 -14.45 -31.37
CA GLU B 253 7.37 -15.65 -32.07
C GLU B 253 8.54 -16.35 -32.74
N HIS B 254 9.46 -15.56 -33.40
CA HIS B 254 10.64 -16.12 -34.07
C HIS B 254 11.55 -16.83 -33.09
N PHE B 255 11.70 -16.27 -31.87
CA PHE B 255 12.51 -16.87 -30.79
C PHE B 255 12.07 -18.32 -30.51
N TYR B 256 10.74 -18.56 -30.34
CA TYR B 256 10.20 -19.91 -30.08
C TYR B 256 10.28 -20.80 -31.32
N GLN B 257 9.95 -20.25 -32.50
CA GLN B 257 9.96 -20.99 -33.77
C GLN B 257 11.35 -21.50 -34.10
N ARG B 258 12.38 -20.70 -33.78
CA ARG B 258 13.78 -21.07 -33.97
C ARG B 258 14.32 -21.87 -32.80
N GLN B 259 13.47 -22.17 -31.76
CA GLN B 259 13.79 -23.01 -30.59
C GLN B 259 14.89 -22.43 -29.64
N HIS B 260 15.12 -21.11 -29.69
CA HIS B 260 16.13 -20.46 -28.84
C HIS B 260 15.77 -20.59 -27.37
N ARG B 261 16.78 -20.66 -26.51
CA ARG B 261 16.59 -20.81 -25.08
C ARG B 261 16.78 -19.49 -24.32
N LEU B 262 16.03 -19.33 -23.23
CA LEU B 262 16.03 -18.10 -22.42
C LEU B 262 17.35 -17.89 -21.67
N PRO B 263 17.73 -16.63 -21.34
CA PRO B 263 18.98 -16.39 -20.59
C PRO B 263 19.02 -17.15 -19.25
N GLU B 264 20.23 -17.41 -18.79
CA GLU B 264 20.46 -18.07 -17.50
C GLU B 264 20.19 -17.03 -16.38
N PRO B 265 19.66 -17.42 -15.20
CA PRO B 265 19.45 -16.41 -14.14
C PRO B 265 20.76 -15.86 -13.59
N SER B 266 20.72 -14.62 -13.08
CA SER B 266 21.85 -13.93 -12.47
C SER B 266 21.92 -14.33 -11.00
N LEU B 270 19.58 -20.79 -8.85
CA LEU B 270 18.41 -21.07 -9.67
C LEU B 270 18.74 -21.54 -11.09
N ALA B 271 20.04 -21.60 -11.45
CA ALA B 271 20.51 -21.97 -12.78
C ALA B 271 20.02 -23.34 -13.27
N THR B 272 20.29 -24.40 -12.51
CA THR B 272 19.91 -25.77 -12.90
C THR B 272 18.39 -25.90 -13.01
N LEU B 273 17.66 -25.37 -12.01
CA LEU B 273 16.20 -25.41 -11.98
C LEU B 273 15.57 -24.73 -13.19
N THR B 274 15.98 -23.50 -13.54
CA THR B 274 15.44 -22.83 -14.74
C THR B 274 15.81 -23.59 -16.02
N SER B 275 17.04 -24.12 -16.10
CA SER B 275 17.45 -24.92 -17.27
C SER B 275 16.55 -26.16 -17.45
N GLN B 276 16.18 -26.84 -16.34
CA GLN B 276 15.31 -28.03 -16.39
C GLN B 276 13.86 -27.68 -16.72
N CYS B 277 13.32 -26.56 -16.17
CA CYS B 277 11.95 -26.14 -16.42
C CYS B 277 11.79 -25.56 -17.81
N LEU B 278 12.79 -24.83 -18.29
CA LEU B 278 12.70 -24.13 -19.57
C LEU B 278 13.28 -24.95 -20.76
N THR B 279 12.90 -26.23 -20.82
CA THR B 279 13.23 -27.12 -21.93
C THR B 279 12.01 -27.20 -22.85
N TYR B 280 12.24 -27.24 -24.18
CA TYR B 280 11.17 -27.36 -25.16
C TYR B 280 10.45 -28.72 -25.12
N GLU B 281 11.06 -29.75 -24.49
CA GLU B 281 10.46 -31.08 -24.38
C GLU B 281 9.60 -31.10 -23.11
N PRO B 282 8.25 -31.05 -23.22
CA PRO B 282 7.42 -30.95 -21.99
C PRO B 282 7.62 -32.08 -20.97
N THR B 283 7.78 -33.33 -21.44
CA THR B 283 7.94 -34.50 -20.58
C THR B 283 9.26 -34.51 -19.76
N GLN B 284 10.25 -33.72 -20.18
CA GLN B 284 11.55 -33.62 -19.51
C GLN B 284 11.54 -32.60 -18.35
N ARG B 285 10.45 -31.83 -18.19
CA ARG B 285 10.37 -30.81 -17.11
C ARG B 285 10.14 -31.53 -15.79
N PRO B 286 10.87 -31.17 -14.70
CA PRO B 286 10.68 -31.89 -13.42
C PRO B 286 9.31 -31.63 -12.81
N SER B 287 8.84 -32.54 -11.93
CA SER B 287 7.55 -32.37 -11.25
C SER B 287 7.70 -31.29 -10.16
N PHE B 288 6.58 -30.73 -9.68
CA PHE B 288 6.63 -29.73 -8.61
C PHE B 288 7.03 -30.36 -7.29
N ARG B 289 6.84 -31.70 -7.14
CA ARG B 289 7.32 -32.45 -5.98
C ARG B 289 8.85 -32.32 -5.93
N THR B 290 9.52 -32.57 -7.07
CA THR B 290 10.98 -32.46 -7.21
C THR B 290 11.46 -31.00 -7.06
N ILE B 291 10.77 -30.07 -7.74
CA ILE B 291 11.10 -28.64 -7.69
C ILE B 291 11.06 -28.16 -6.21
N LEU B 292 9.95 -28.45 -5.50
CA LEU B 292 9.78 -28.06 -4.09
C LEU B 292 10.83 -28.65 -3.16
N ARG B 293 11.35 -29.86 -3.48
CA ARG B 293 12.42 -30.52 -2.74
C ARG B 293 13.76 -29.84 -3.05
N ASP B 294 14.05 -29.54 -4.33
CA ASP B 294 15.26 -28.85 -4.77
C ASP B 294 15.37 -27.45 -4.16
N LEU B 295 14.21 -26.76 -3.98
CA LEU B 295 14.18 -25.41 -3.41
C LEU B 295 14.56 -25.39 -1.92
N THR B 296 14.24 -26.45 -1.15
CA THR B 296 14.67 -26.55 0.26
C THR B 296 16.17 -26.90 0.29
#